data_2OJ8
#
_entry.id   2OJ8
#
_entity_poly.entity_id   1
_entity_poly.type   'polyribonucleotide'
_entity_poly.pdbx_seq_one_letter_code
;GCUGUUGU
;
_entity_poly.pdbx_strand_id   A
#